data_5E8D
#
_entry.id   5E8D
#
_cell.length_a   68.602
_cell.length_b   100.291
_cell.length_c   187.369
_cell.angle_alpha   90.00
_cell.angle_beta   90.00
_cell.angle_gamma   90.00
#
_symmetry.space_group_name_H-M   'I 2 2 2'
#
loop_
_entity.id
_entity.type
_entity.pdbx_description
1 polymer Proepiregulin
2 polymer 'anti-human epiregulin antibody 9E5 Fab heavy chain'
3 polymer 'anti-human epiregulin antibody 9E5 Fab light chain'
4 non-polymer 'CHLORIDE ION'
5 non-polymer GLYCEROL
6 water water
#
loop_
_entity_poly.entity_id
_entity_poly.type
_entity_poly.pdbx_seq_one_letter_code
_entity_poly.pdbx_strand_id
1 'polypeptide(L)' GPAMSCIPGESSDNCTALVQTEDNPRVAQVSITKCSSDMNGYCLHGQCIYLVDMSQNYCRCEVGYTGVRCEHFFL A
2 'polypeptide(L)'
;EVQLQQSGAELVKPGASVKLSCTASGFNIKDTYMHWVKQRPEQGLEWIGRIDPLNDKTKYDPKFQGKATITADTSSNSAY
LQLSSLTSEDTAVYYCSRGGGDPVFVYWGQGTLVTVSAAKTTPPSVYPLAPGSAAQTNSMVTLGCLVKGYFPEPVTVTWN
SGSLSSGVHTFPAVLQSDLYTLSSSVTVPSSTWPSETVTCNVAHPASSTKVDKKIVPRDC
;
H
3 'polypeptide(L)'
;DIQMTQSPSSLSASLGGKVTITCKASQDINKYIAWYQHKPGKGPRLLIHYTSTLHPGIPSRFSGSGSGRDYSFSISNLEP
EDIATYYCLQYDNLRTFGGGTKLEIKRADAAPTVSIFPPSSEQLTSGGASVVCFLNNFYPKDINVKWKIDGSERQNGVLN
SWTDQDSKDSTYSMSSTLTLTKDEYERHNSYTCEATHKTSTSPIVKSFNRNEC
;
L
#
# COMPACT_ATOMS: atom_id res chain seq x y z
N ILE A 32 -2.70 13.65 -33.22
CA ILE A 32 -1.38 14.25 -33.43
C ILE A 32 -1.28 15.64 -32.79
N THR A 33 -0.28 15.83 -31.92
CA THR A 33 -0.10 17.10 -31.22
C THR A 33 1.38 17.33 -30.80
N LYS A 34 1.65 18.51 -30.24
CA LYS A 34 2.96 18.89 -29.71
C LYS A 34 3.48 17.93 -28.63
N CYS A 35 4.79 17.65 -28.67
CA CYS A 35 5.41 16.90 -27.59
C CYS A 35 5.47 17.75 -26.33
N SER A 36 5.31 17.10 -25.18
CA SER A 36 5.45 17.77 -23.89
C SER A 36 6.76 18.56 -23.80
N SER A 37 6.78 19.55 -22.92
CA SER A 37 7.97 20.37 -22.75
C SER A 37 9.07 19.57 -22.05
N ASP A 38 8.68 18.42 -21.48
CA ASP A 38 9.57 17.56 -20.73
C ASP A 38 10.60 16.91 -21.64
N MET A 39 10.30 16.90 -22.94
CA MET A 39 11.00 16.07 -23.89
C MET A 39 12.11 16.81 -24.64
N ASN A 40 12.55 17.95 -24.12
CA ASN A 40 13.65 18.67 -24.77
C ASN A 40 14.93 17.84 -24.79
N GLY A 41 15.36 17.45 -25.99
CA GLY A 41 16.57 16.68 -26.10
C GLY A 41 16.34 15.18 -26.19
N TYR A 42 15.08 14.77 -26.31
CA TYR A 42 14.78 13.40 -26.69
C TYR A 42 15.21 13.24 -28.15
N CYS A 43 14.64 14.07 -29.02
CA CYS A 43 15.02 14.07 -30.43
C CYS A 43 16.25 14.92 -30.64
N LEU A 44 17.41 14.30 -30.48
CA LEU A 44 18.71 14.97 -30.64
C LEU A 44 18.80 15.87 -31.88
N HIS A 45 18.79 15.27 -33.06
CA HIS A 45 18.84 16.05 -34.29
C HIS A 45 17.55 15.87 -35.06
N GLY A 46 16.45 16.27 -34.44
CA GLY A 46 15.15 16.16 -35.04
C GLY A 46 14.11 16.90 -34.24
N GLN A 47 12.84 16.63 -34.55
CA GLN A 47 11.73 17.36 -33.96
C GLN A 47 10.72 16.42 -33.35
N CYS A 48 10.40 16.65 -32.07
CA CYS A 48 9.57 15.73 -31.33
C CYS A 48 8.08 15.88 -31.67
N ILE A 49 7.42 14.76 -31.90
CA ILE A 49 6.00 14.76 -32.24
C ILE A 49 5.26 13.84 -31.32
N TYR A 50 4.12 14.30 -30.84
CA TYR A 50 3.33 13.57 -29.87
C TYR A 50 2.12 13.01 -30.60
N LEU A 51 2.14 11.71 -30.86
CA LEU A 51 1.02 11.05 -31.48
C LEU A 51 0.06 10.61 -30.38
N VAL A 52 -0.89 11.49 -30.09
CA VAL A 52 -1.77 11.35 -28.96
C VAL A 52 -2.53 10.04 -28.93
N ASP A 53 -3.48 9.91 -29.85
CA ASP A 53 -4.40 8.80 -29.86
C ASP A 53 -3.67 7.46 -29.83
N MET A 54 -2.48 7.42 -30.41
CA MET A 54 -1.70 6.20 -30.48
C MET A 54 -0.74 6.08 -29.29
N SER A 55 -0.65 7.14 -28.49
CA SER A 55 0.10 7.11 -27.25
C SER A 55 1.61 6.77 -27.43
N GLN A 56 2.28 7.32 -28.46
CA GLN A 56 3.77 7.35 -28.55
C GLN A 56 4.34 8.72 -28.99
N ASN A 57 5.55 9.02 -28.49
CA ASN A 57 6.40 10.07 -29.05
C ASN A 57 7.30 9.66 -30.21
N TYR A 58 7.38 10.53 -31.21
CA TYR A 58 8.12 10.28 -32.46
C TYR A 58 9.10 11.41 -32.78
N CYS A 59 10.35 11.07 -33.09
CA CYS A 59 11.29 12.06 -33.59
C CYS A 59 11.24 12.10 -35.11
N ARG A 60 10.86 13.25 -35.68
CA ARG A 60 11.01 13.45 -37.12
C ARG A 60 12.47 13.90 -37.34
N CYS A 61 13.23 13.06 -38.04
CA CYS A 61 14.67 13.24 -38.13
C CYS A 61 15.04 14.27 -39.18
N GLU A 62 16.06 15.06 -38.85
CA GLU A 62 16.64 15.98 -39.82
C GLU A 62 17.24 15.14 -40.93
N VAL A 63 17.22 15.64 -42.16
CA VAL A 63 17.85 14.91 -43.24
C VAL A 63 19.29 14.60 -42.85
N GLY A 64 19.63 13.31 -42.88
CA GLY A 64 20.98 12.85 -42.62
C GLY A 64 21.12 12.22 -41.26
N TYR A 65 20.04 12.25 -40.49
CA TYR A 65 20.08 11.66 -39.15
C TYR A 65 19.05 10.55 -39.03
N THR A 66 19.47 9.42 -38.48
CA THR A 66 18.57 8.31 -38.24
C THR A 66 18.56 7.93 -36.77
N GLY A 67 17.66 7.01 -36.43
CA GLY A 67 17.56 6.53 -35.07
C GLY A 67 16.24 6.93 -34.43
N VAL A 68 15.97 6.28 -33.30
CA VAL A 68 14.79 6.57 -32.51
C VAL A 68 14.83 7.99 -31.99
N ARG A 69 16.01 8.40 -31.52
CA ARG A 69 16.24 9.76 -31.08
C ARG A 69 17.06 10.60 -32.06
N CYS A 70 17.10 10.15 -33.33
CA CYS A 70 17.86 10.83 -34.37
C CYS A 70 19.32 11.01 -33.95
N GLU A 71 19.86 9.97 -33.31
CA GLU A 71 21.18 10.01 -32.70
C GLU A 71 22.36 9.76 -33.65
N HIS A 72 22.09 9.17 -34.81
CA HIS A 72 23.17 8.76 -35.68
C HIS A 72 23.10 9.37 -37.08
N PHE A 73 24.28 9.59 -37.66
CA PHE A 73 24.45 10.38 -38.87
C PHE A 73 24.51 9.54 -40.16
N PHE A 74 24.14 10.17 -41.27
CA PHE A 74 24.02 9.50 -42.58
C PHE A 74 22.85 8.52 -42.61
N GLU B 1 8.99 -7.09 -27.38
CA GLU B 1 8.12 -6.99 -26.21
C GLU B 1 8.84 -6.44 -24.99
N VAL B 2 8.20 -5.48 -24.33
CA VAL B 2 8.80 -4.74 -23.22
C VAL B 2 8.78 -5.48 -21.88
N GLN B 3 9.95 -5.62 -21.29
CA GLN B 3 10.03 -6.12 -19.94
C GLN B 3 11.00 -5.27 -19.15
N LEU B 4 10.59 -4.90 -17.95
CA LEU B 4 11.49 -4.27 -17.00
C LEU B 4 11.60 -5.21 -15.82
N GLN B 5 12.82 -5.65 -15.50
CA GLN B 5 12.98 -6.54 -14.36
C GLN B 5 13.98 -6.00 -13.33
N GLN B 6 13.51 -5.88 -12.09
CA GLN B 6 14.30 -5.28 -11.03
C GLN B 6 14.89 -6.34 -10.11
N SER B 7 15.97 -5.97 -9.43
CA SER B 7 16.62 -6.86 -8.47
C SER B 7 15.74 -7.20 -7.26
N GLY B 8 16.26 -8.02 -6.36
CA GLY B 8 15.50 -8.51 -5.22
C GLY B 8 15.38 -7.58 -4.01
N ALA B 9 14.48 -7.96 -3.11
CA ALA B 9 14.22 -7.24 -1.86
C ALA B 9 15.50 -6.91 -1.07
N GLU B 10 15.49 -5.81 -0.35
CA GLU B 10 16.64 -5.43 0.46
C GLU B 10 16.26 -5.18 1.92
N LEU B 11 17.17 -5.53 2.83
CA LEU B 11 16.98 -5.26 4.25
C LEU B 11 18.21 -4.55 4.80
N VAL B 12 18.05 -3.28 5.16
CA VAL B 12 19.21 -2.44 5.43
C VAL B 12 19.18 -1.78 6.79
N LYS B 13 20.31 -1.86 7.50
CA LYS B 13 20.50 -1.08 8.71
C LYS B 13 20.26 0.40 8.39
N PRO B 14 19.59 1.12 9.29
CA PRO B 14 19.48 2.57 9.19
C PRO B 14 20.86 3.21 9.13
N GLY B 15 21.01 4.23 8.30
CA GLY B 15 22.29 4.90 8.15
C GLY B 15 23.04 4.34 6.97
N ALA B 16 22.69 3.13 6.56
CA ALA B 16 23.41 2.50 5.47
C ALA B 16 22.85 2.93 4.11
N SER B 17 23.31 2.24 3.06
CA SER B 17 22.99 2.59 1.69
C SER B 17 22.74 1.35 0.83
N VAL B 18 21.84 1.46 -0.15
CA VAL B 18 21.54 0.34 -1.03
C VAL B 18 21.50 0.85 -2.47
N LYS B 19 21.74 -0.05 -3.42
CA LYS B 19 21.73 0.29 -4.83
C LYS B 19 20.87 -0.73 -5.60
N LEU B 20 19.67 -0.33 -6.02
CA LEU B 20 18.78 -1.23 -6.74
C LEU B 20 19.06 -1.21 -8.24
N SER B 21 18.74 -2.30 -8.93
CA SER B 21 18.98 -2.37 -10.37
C SER B 21 17.69 -2.65 -11.12
N CYS B 22 17.62 -2.10 -12.33
CA CYS B 22 16.54 -2.33 -13.25
C CYS B 22 17.12 -2.67 -14.62
N THR B 23 16.80 -3.85 -15.14
CA THR B 23 17.33 -4.25 -16.44
C THR B 23 16.21 -4.50 -17.44
N ALA B 24 16.43 -4.02 -18.66
CA ALA B 24 15.39 -3.91 -19.67
C ALA B 24 15.53 -4.93 -20.79
N SER B 25 14.47 -5.68 -21.03
CA SER B 25 14.41 -6.58 -22.17
C SER B 25 13.52 -5.96 -23.21
N GLY B 26 13.79 -6.23 -24.49
CA GLY B 26 12.91 -5.81 -25.57
C GLY B 26 13.13 -4.42 -26.14
N PHE B 27 14.12 -3.70 -25.60
CA PHE B 27 14.45 -2.35 -26.08
C PHE B 27 15.82 -1.89 -25.56
N ASN B 28 16.42 -0.91 -26.24
CA ASN B 28 17.69 -0.33 -25.81
C ASN B 28 17.48 0.91 -24.93
N ILE B 29 18.08 0.95 -23.75
CA ILE B 29 17.81 2.08 -22.87
C ILE B 29 18.46 3.38 -23.36
N LYS B 30 19.42 3.28 -24.28
CA LYS B 30 19.90 4.45 -25.03
C LYS B 30 18.76 5.26 -25.66
N ASP B 31 17.68 4.59 -26.04
CA ASP B 31 16.59 5.27 -26.75
C ASP B 31 15.47 5.75 -25.84
N THR B 32 15.78 5.92 -24.56
CA THR B 32 14.73 6.18 -23.60
C THR B 32 15.30 6.76 -22.32
N TYR B 33 14.53 7.63 -21.67
CA TYR B 33 14.83 8.05 -20.31
C TYR B 33 14.36 6.93 -19.39
N MET B 34 15.20 6.53 -18.44
CA MET B 34 14.74 5.57 -17.43
C MET B 34 14.39 6.28 -16.10
N HIS B 35 13.17 6.06 -15.61
CA HIS B 35 12.68 6.72 -14.38
C HIS B 35 12.61 5.83 -13.15
N TRP B 36 12.78 6.42 -11.98
CA TRP B 36 12.55 5.71 -10.74
C TRP B 36 11.42 6.33 -9.93
N VAL B 37 10.61 5.47 -9.31
CA VAL B 37 9.42 5.92 -8.61
C VAL B 37 9.32 5.21 -7.27
N LYS B 38 9.18 5.99 -6.20
CA LYS B 38 9.04 5.42 -4.84
C LYS B 38 7.59 5.28 -4.43
N GLN B 39 7.24 4.14 -3.85
CA GLN B 39 5.98 4.07 -3.14
C GLN B 39 6.13 3.62 -1.69
N ARG B 40 6.10 4.57 -0.77
CA ARG B 40 6.19 4.22 0.64
C ARG B 40 4.82 3.65 1.02
N PRO B 41 4.82 2.58 1.83
CA PRO B 41 3.63 1.77 2.15
C PRO B 41 2.44 2.57 2.67
N GLU B 42 1.25 2.20 2.18
CA GLU B 42 0.00 2.87 2.49
C GLU B 42 -0.07 4.29 1.90
N GLN B 43 1.04 4.74 1.32
CA GLN B 43 1.15 6.07 0.72
C GLN B 43 1.23 5.99 -0.82
N GLY B 44 0.88 7.10 -1.47
CA GLY B 44 0.94 7.24 -2.91
C GLY B 44 2.29 7.18 -3.59
N LEU B 45 2.37 7.78 -4.77
CA LEU B 45 3.50 7.60 -5.66
C LEU B 45 4.43 8.80 -5.70
N GLU B 46 5.68 8.60 -5.35
CA GLU B 46 6.62 9.72 -5.43
C GLU B 46 7.56 9.52 -6.64
N TRP B 47 7.61 10.52 -7.52
CA TRP B 47 8.57 10.46 -8.61
C TRP B 47 9.94 10.83 -8.09
N ILE B 48 10.90 9.95 -8.30
CA ILE B 48 12.23 10.14 -7.74
C ILE B 48 13.12 10.92 -8.68
N GLY B 49 13.15 10.49 -9.94
CA GLY B 49 14.00 11.15 -10.91
C GLY B 49 14.16 10.33 -12.17
N ARG B 50 15.03 10.79 -13.07
CA ARG B 50 15.28 10.12 -14.35
C ARG B 50 16.73 10.26 -14.80
N ILE B 51 17.17 9.33 -15.62
CA ILE B 51 18.46 9.43 -16.26
C ILE B 51 18.27 9.27 -17.77
N ASP B 52 19.17 9.92 -18.52
CA ASP B 52 19.29 9.69 -19.95
C ASP B 52 20.56 8.87 -20.17
N PRO B 53 20.38 7.56 -20.37
CA PRO B 53 21.48 6.60 -20.46
C PRO B 53 22.41 6.88 -21.64
N LEU B 54 21.93 7.69 -22.57
CA LEU B 54 22.71 8.07 -23.73
C LEU B 54 23.82 9.07 -23.37
N ASN B 55 23.51 10.05 -22.52
CA ASN B 55 24.49 11.06 -22.16
C ASN B 55 24.73 11.16 -20.66
N ASP B 56 24.14 10.20 -19.95
CA ASP B 56 24.26 10.04 -18.48
C ASP B 56 23.82 11.25 -17.66
N LYS B 57 23.12 12.18 -18.28
CA LYS B 57 22.60 13.29 -17.52
C LYS B 57 21.35 12.88 -16.76
N THR B 58 21.03 13.63 -15.70
CA THR B 58 19.94 13.24 -14.79
C THR B 58 19.16 14.45 -14.28
N LYS B 59 17.90 14.21 -13.91
CA LYS B 59 17.07 15.20 -13.21
C LYS B 59 16.50 14.56 -11.95
N TYR B 60 16.24 15.35 -10.91
CA TYR B 60 15.60 14.82 -9.69
C TYR B 60 14.49 15.72 -9.17
N ASP B 61 13.44 15.10 -8.66
CA ASP B 61 12.51 15.80 -7.80
C ASP B 61 13.32 16.29 -6.60
N PRO B 62 13.23 17.58 -6.31
CA PRO B 62 14.09 18.18 -5.28
C PRO B 62 13.96 17.51 -3.90
N LYS B 63 12.84 16.85 -3.63
CA LYS B 63 12.71 16.10 -2.38
C LYS B 63 13.78 15.01 -2.25
N PHE B 64 14.37 14.58 -3.37
CA PHE B 64 15.26 13.43 -3.32
C PHE B 64 16.72 13.76 -3.55
N GLN B 65 17.02 15.03 -3.82
CA GLN B 65 18.41 15.40 -4.09
C GLN B 65 19.28 15.26 -2.84
N GLY B 66 20.30 14.41 -2.94
CA GLY B 66 21.14 14.11 -1.80
C GLY B 66 20.87 12.70 -1.32
N LYS B 67 19.64 12.25 -1.51
CA LYS B 67 19.23 10.91 -1.09
C LYS B 67 19.35 9.86 -2.17
N ALA B 68 19.01 10.22 -3.40
CA ALA B 68 19.02 9.27 -4.52
C ALA B 68 20.12 9.56 -5.53
N THR B 69 20.71 8.51 -6.06
CA THR B 69 21.62 8.67 -7.17
C THR B 69 21.28 7.66 -8.27
N ILE B 70 20.80 8.18 -9.40
CA ILE B 70 20.38 7.36 -10.52
C ILE B 70 21.47 7.25 -11.58
N THR B 71 21.86 6.02 -11.87
CA THR B 71 22.90 5.73 -12.83
C THR B 71 22.39 4.80 -13.93
N ALA B 72 23.20 4.61 -14.96
CA ALA B 72 22.84 3.69 -16.04
C ALA B 72 24.07 2.92 -16.53
N ASP B 73 23.87 1.66 -16.91
CA ASP B 73 24.91 0.93 -17.62
C ASP B 73 24.40 0.44 -18.96
N THR B 74 24.68 1.17 -20.02
CA THR B 74 24.23 0.80 -21.36
C THR B 74 24.74 -0.59 -21.75
N SER B 75 25.88 -0.96 -21.18
CA SER B 75 26.46 -2.27 -21.40
C SER B 75 25.49 -3.39 -21.02
N SER B 76 24.98 -3.34 -19.80
CA SER B 76 24.08 -4.40 -19.35
C SER B 76 22.61 -4.04 -19.56
N ASN B 77 22.35 -2.95 -20.30
CA ASN B 77 21.00 -2.45 -20.51
C ASN B 77 20.29 -2.23 -19.16
N SER B 78 20.96 -1.55 -18.25
CA SER B 78 20.45 -1.43 -16.90
C SER B 78 20.52 -0.02 -16.36
N ALA B 79 19.53 0.31 -15.54
CA ALA B 79 19.52 1.56 -14.79
C ALA B 79 19.55 1.20 -13.32
N TYR B 80 20.10 2.08 -12.50
CA TYR B 80 20.26 1.79 -11.08
C TYR B 80 19.82 2.96 -10.24
N LEU B 81 19.13 2.65 -9.14
CA LEU B 81 18.82 3.64 -8.12
C LEU B 81 19.66 3.33 -6.88
N GLN B 82 20.37 4.34 -6.40
CA GLN B 82 21.15 4.21 -5.18
C GLN B 82 20.71 5.20 -4.08
N LEU B 83 20.38 4.68 -2.91
CA LEU B 83 19.86 5.49 -1.82
C LEU B 83 20.86 5.58 -0.67
N SER B 84 21.27 6.79 -0.31
CA SER B 84 22.24 7.00 0.77
C SER B 84 21.58 7.36 2.12
N SER B 85 22.36 7.25 3.20
CA SER B 85 21.90 7.53 4.56
C SER B 85 20.47 7.09 4.84
N LEU B 86 20.19 5.81 4.62
CA LEU B 86 18.84 5.28 4.79
C LEU B 86 18.22 5.57 6.16
N THR B 87 16.96 5.98 6.13
CA THR B 87 16.15 6.13 7.34
C THR B 87 14.91 5.26 7.16
N SER B 88 13.96 5.34 8.08
CA SER B 88 12.79 4.50 7.98
C SER B 88 11.84 5.14 6.97
N GLU B 89 12.08 6.41 6.69
CA GLU B 89 11.42 7.14 5.62
C GLU B 89 11.72 6.56 4.24
N ASP B 90 12.86 5.89 4.12
CA ASP B 90 13.26 5.35 2.84
C ASP B 90 12.71 3.94 2.65
N THR B 91 11.93 3.47 3.63
CA THR B 91 11.36 2.13 3.59
C THR B 91 10.16 2.13 2.66
N ALA B 92 10.30 1.46 1.52
CA ALA B 92 9.36 1.63 0.41
C ALA B 92 9.54 0.60 -0.66
N VAL B 93 8.61 0.59 -1.60
CA VAL B 93 8.81 -0.14 -2.83
C VAL B 93 9.28 0.85 -3.88
N TYR B 94 10.30 0.46 -4.63
CA TYR B 94 10.83 1.30 -5.69
C TYR B 94 10.57 0.68 -7.06
N TYR B 95 9.89 1.44 -7.91
CA TYR B 95 9.54 1.00 -9.27
C TYR B 95 10.37 1.74 -10.30
N CYS B 96 10.93 1.03 -11.26
CA CYS B 96 11.52 1.73 -12.41
C CYS B 96 10.50 1.75 -13.52
N SER B 97 10.62 2.70 -14.43
CA SER B 97 9.72 2.81 -15.57
C SER B 97 10.43 3.56 -16.68
N ARG B 98 9.86 3.60 -17.87
CA ARG B 98 10.58 4.27 -18.95
C ARG B 98 9.81 5.43 -19.57
N GLY B 99 10.56 6.35 -20.13
CA GLY B 99 10.03 7.52 -20.80
C GLY B 99 10.69 7.74 -22.16
N GLY B 100 10.47 8.90 -22.75
CA GLY B 100 10.96 9.17 -24.08
C GLY B 100 10.00 8.75 -25.17
N GLY B 101 10.13 7.52 -25.66
CA GLY B 101 9.15 6.99 -26.60
C GLY B 101 7.78 6.97 -25.96
N ASP B 102 7.71 6.59 -24.67
CA ASP B 102 6.47 6.67 -23.90
C ASP B 102 6.26 8.06 -23.28
N PRO B 103 5.26 8.80 -23.80
CA PRO B 103 4.99 10.15 -23.32
C PRO B 103 4.76 10.16 -21.84
N VAL B 104 4.30 9.04 -21.31
CA VAL B 104 4.03 8.88 -19.89
C VAL B 104 4.27 7.41 -19.48
N PHE B 105 4.31 7.13 -18.17
CA PHE B 105 4.67 5.78 -17.75
C PHE B 105 3.63 4.77 -18.20
N VAL B 106 4.09 3.68 -18.79
CA VAL B 106 3.19 2.61 -19.16
C VAL B 106 3.74 1.28 -18.69
N TYR B 107 5.04 1.09 -18.86
CA TYR B 107 5.66 -0.15 -18.39
C TYR B 107 6.44 0.07 -17.11
N TRP B 108 6.29 -0.88 -16.20
CA TRP B 108 6.95 -0.82 -14.91
C TRP B 108 7.68 -2.12 -14.59
N GLY B 109 8.64 -2.03 -13.68
CA GLY B 109 9.23 -3.21 -13.09
C GLY B 109 8.27 -3.78 -12.07
N GLN B 110 8.65 -4.89 -11.46
CA GLN B 110 7.77 -5.60 -10.55
C GLN B 110 7.87 -4.94 -9.19
N GLY B 111 8.86 -4.06 -9.05
CA GLY B 111 9.03 -3.29 -7.84
C GLY B 111 10.07 -3.94 -6.96
N THR B 112 10.87 -3.13 -6.27
CA THR B 112 11.81 -3.64 -5.32
C THR B 112 11.54 -3.09 -3.93
N LEU B 113 11.34 -4.00 -2.97
CA LEU B 113 11.11 -3.61 -1.59
C LEU B 113 12.42 -3.32 -0.86
N VAL B 114 12.51 -2.14 -0.25
CA VAL B 114 13.64 -1.80 0.63
C VAL B 114 13.10 -1.62 2.05
N THR B 115 13.53 -2.48 2.95
CA THR B 115 13.14 -2.39 4.35
C THR B 115 14.32 -1.90 5.16
N VAL B 116 14.20 -0.70 5.71
CA VAL B 116 15.28 -0.16 6.52
C VAL B 116 15.07 -0.50 8.00
N SER B 117 15.92 -1.37 8.55
CA SER B 117 15.75 -1.87 9.91
C SER B 117 17.00 -2.60 10.42
N ALA B 118 17.34 -2.41 11.69
CA ALA B 118 18.46 -3.15 12.31
C ALA B 118 17.94 -4.35 13.12
N ALA B 119 16.65 -4.61 13.00
CA ALA B 119 16.05 -5.80 13.61
C ALA B 119 16.65 -7.08 13.02
N LYS B 120 16.84 -8.06 13.89
CA LYS B 120 17.28 -9.37 13.49
C LYS B 120 16.08 -10.29 13.39
N THR B 121 16.23 -11.34 12.57
CA THR B 121 15.20 -12.35 12.36
C THR B 121 14.67 -12.96 13.65
N THR B 122 13.36 -12.86 13.85
CA THR B 122 12.78 -13.14 15.13
C THR B 122 11.46 -13.87 15.00
N PRO B 123 11.42 -15.12 15.45
CA PRO B 123 10.17 -15.87 15.36
C PRO B 123 9.10 -15.26 16.28
N PRO B 124 7.83 -15.46 15.96
CA PRO B 124 6.79 -14.84 16.78
C PRO B 124 6.46 -15.67 17.99
N SER B 125 5.87 -15.03 18.99
CA SER B 125 5.21 -15.77 20.02
C SER B 125 3.78 -15.86 19.58
N VAL B 126 3.18 -17.04 19.71
CA VAL B 126 1.80 -17.20 19.29
C VAL B 126 0.91 -17.45 20.49
N TYR B 127 -0.08 -16.59 20.70
CA TYR B 127 -0.97 -16.73 21.84
C TYR B 127 -2.42 -16.90 21.42
N PRO B 128 -3.14 -17.80 22.11
CA PRO B 128 -4.56 -18.06 21.84
C PRO B 128 -5.42 -17.02 22.49
N LEU B 129 -6.49 -16.61 21.82
CA LEU B 129 -7.45 -15.70 22.40
C LEU B 129 -8.82 -16.39 22.51
N ALA B 130 -9.11 -16.89 23.69
CA ALA B 130 -10.41 -17.51 23.92
C ALA B 130 -11.29 -16.57 24.74
N PRO B 131 -12.61 -16.68 24.61
CA PRO B 131 -13.44 -15.94 25.55
C PRO B 131 -13.48 -16.71 26.88
N GLY B 132 -13.72 -15.99 27.97
CA GLY B 132 -13.60 -16.58 29.29
C GLY B 132 -14.91 -16.76 30.03
N SER B 133 -14.88 -16.43 31.32
CA SER B 133 -16.05 -16.59 32.19
C SER B 133 -17.17 -15.63 31.80
N THR B 137 -21.60 -16.37 24.18
CA THR B 137 -22.41 -17.50 24.63
C THR B 137 -23.85 -17.45 24.10
N ASN B 138 -24.01 -16.77 22.96
CA ASN B 138 -25.21 -16.90 22.13
C ASN B 138 -24.83 -17.49 20.75
N SER B 139 -25.61 -17.23 19.69
CA SER B 139 -25.49 -18.00 18.44
C SER B 139 -24.06 -18.15 17.90
N MET B 140 -23.27 -17.09 17.87
CA MET B 140 -21.91 -17.21 17.36
C MET B 140 -20.84 -16.98 18.44
N VAL B 141 -19.65 -17.52 18.22
CA VAL B 141 -18.53 -17.28 19.12
C VAL B 141 -17.32 -16.88 18.32
N THR B 142 -16.56 -15.93 18.86
CA THR B 142 -15.40 -15.39 18.17
C THR B 142 -14.17 -15.77 18.96
N LEU B 143 -13.22 -16.43 18.30
CA LEU B 143 -11.94 -16.71 18.89
C LEU B 143 -10.86 -15.96 18.11
N GLY B 144 -9.63 -16.09 18.56
CA GLY B 144 -8.58 -15.28 18.02
C GLY B 144 -7.20 -15.85 18.26
N CYS B 145 -6.22 -15.21 17.64
CA CYS B 145 -4.86 -15.68 17.75
C CYS B 145 -3.96 -14.48 17.59
N LEU B 146 -3.01 -14.35 18.50
CA LEU B 146 -2.15 -13.19 18.53
C LEU B 146 -0.74 -13.64 18.15
N VAL B 147 -0.16 -12.96 17.16
CA VAL B 147 1.18 -13.29 16.66
C VAL B 147 2.14 -12.12 16.96
N LYS B 148 2.84 -12.21 18.09
CA LYS B 148 3.58 -11.06 18.64
C LYS B 148 5.09 -11.12 18.38
N GLY B 149 5.62 -9.99 17.93
CA GLY B 149 7.05 -9.72 17.99
C GLY B 149 7.94 -10.46 17.03
N TYR B 150 7.44 -10.71 15.82
CA TYR B 150 8.24 -11.33 14.79
C TYR B 150 8.87 -10.30 13.84
N PHE B 151 9.90 -10.74 13.14
CA PHE B 151 10.59 -10.01 12.10
C PHE B 151 11.41 -11.00 11.24
N PRO B 152 11.40 -10.81 9.92
CA PRO B 152 10.67 -9.78 9.22
C PRO B 152 9.33 -10.29 8.77
N GLU B 153 8.60 -9.46 8.04
CA GLU B 153 7.44 -9.90 7.32
C GLU B 153 7.85 -10.94 6.25
N PRO B 154 6.91 -11.83 5.89
CA PRO B 154 5.57 -11.96 6.45
C PRO B 154 5.38 -13.17 7.36
N VAL B 155 4.20 -13.31 7.96
CA VAL B 155 3.77 -14.60 8.49
C VAL B 155 2.55 -15.12 7.75
N THR B 156 2.09 -16.29 8.18
CA THR B 156 0.88 -16.88 7.66
C THR B 156 0.03 -17.33 8.80
N VAL B 157 -1.26 -17.03 8.70
CA VAL B 157 -2.19 -17.49 9.70
C VAL B 157 -3.38 -18.15 9.05
N THR B 158 -3.57 -19.41 9.38
CA THR B 158 -4.72 -20.15 8.89
C THR B 158 -5.41 -20.72 10.11
N TRP B 159 -6.64 -21.15 9.91
CA TRP B 159 -7.42 -21.75 10.99
C TRP B 159 -7.83 -23.16 10.57
N ASN B 160 -7.50 -24.13 11.42
CA ASN B 160 -7.66 -25.55 11.09
C ASN B 160 -7.05 -25.82 9.73
N SER B 161 -5.87 -25.25 9.51
CA SER B 161 -5.09 -25.56 8.34
C SER B 161 -5.82 -25.19 7.05
N GLY B 162 -6.72 -24.21 7.11
CA GLY B 162 -7.33 -23.70 5.91
C GLY B 162 -8.75 -24.17 5.73
N SER B 163 -9.15 -25.13 6.54
CA SER B 163 -10.50 -25.68 6.49
C SER B 163 -11.51 -24.69 7.06
N LEU B 164 -11.05 -23.81 7.92
CA LEU B 164 -11.88 -22.72 8.36
C LEU B 164 -11.46 -21.49 7.61
N SER B 165 -12.24 -21.09 6.61
CA SER B 165 -11.93 -19.88 5.84
C SER B 165 -13.00 -18.80 6.01
N SER B 166 -14.27 -19.19 5.99
CA SER B 166 -15.32 -18.23 6.22
C SER B 166 -15.28 -17.78 7.67
N GLY B 167 -15.63 -16.50 7.89
CA GLY B 167 -15.73 -15.96 9.22
C GLY B 167 -14.40 -15.61 9.87
N VAL B 168 -13.36 -15.50 9.06
CA VAL B 168 -12.02 -15.26 9.51
C VAL B 168 -11.59 -13.83 9.22
N HIS B 169 -11.00 -13.16 10.21
CA HIS B 169 -10.43 -11.84 9.99
C HIS B 169 -8.95 -11.76 10.39
N THR B 170 -8.07 -11.60 9.40
CA THR B 170 -6.66 -11.50 9.69
C THR B 170 -6.11 -10.12 9.39
N PHE B 171 -5.65 -9.45 10.44
CA PHE B 171 -5.31 -8.03 10.43
C PHE B 171 -3.84 -7.77 10.08
N PRO B 172 -3.62 -6.80 9.21
CA PRO B 172 -2.29 -6.33 8.81
C PRO B 172 -1.37 -6.13 10.03
N ALA B 173 -0.14 -6.60 9.91
CA ALA B 173 0.80 -6.45 10.99
C ALA B 173 1.07 -4.97 11.23
N VAL B 174 1.28 -4.62 12.51
CA VAL B 174 1.72 -3.28 12.87
C VAL B 174 3.10 -3.39 13.51
N LEU B 175 3.85 -2.29 13.47
CA LEU B 175 5.19 -2.23 14.05
C LEU B 175 5.19 -1.77 15.50
N GLN B 176 5.98 -2.44 16.31
CA GLN B 176 6.06 -2.12 17.72
C GLN B 176 7.49 -2.32 18.16
N SER B 177 8.22 -1.21 18.29
CA SER B 177 9.62 -1.24 18.66
C SER B 177 10.36 -2.14 17.70
N ASP B 178 10.14 -1.88 16.42
CA ASP B 178 10.88 -2.48 15.32
C ASP B 178 10.44 -3.89 14.95
N LEU B 179 9.57 -4.50 15.75
CA LEU B 179 9.07 -5.86 15.44
C LEU B 179 7.60 -5.84 15.06
N TYR B 180 7.14 -6.90 14.40
CA TYR B 180 5.75 -6.93 13.92
C TYR B 180 4.83 -7.70 14.85
N THR B 181 3.62 -7.18 14.97
CA THR B 181 2.58 -7.87 15.69
C THR B 181 1.29 -7.93 14.87
N LEU B 182 0.64 -9.08 14.88
CA LEU B 182 -0.52 -9.31 14.03
C LEU B 182 -1.53 -10.07 14.84
N SER B 183 -2.79 -10.00 14.44
CA SER B 183 -3.78 -10.81 15.11
C SER B 183 -4.71 -11.37 14.08
N SER B 184 -5.47 -12.38 14.45
CA SER B 184 -6.43 -12.98 13.57
C SER B 184 -7.61 -13.45 14.40
N SER B 185 -8.82 -13.15 13.95
CA SER B 185 -10.00 -13.71 14.57
C SER B 185 -10.74 -14.68 13.62
N VAL B 186 -11.48 -15.60 14.24
CA VAL B 186 -12.37 -16.51 13.51
C VAL B 186 -13.70 -16.63 14.25
N THR B 187 -14.80 -16.59 13.50
CA THR B 187 -16.12 -16.72 14.13
C THR B 187 -16.85 -17.97 13.64
N VAL B 188 -17.38 -18.71 14.60
CA VAL B 188 -17.97 -20.03 14.40
C VAL B 188 -19.26 -20.08 15.20
N PRO B 189 -20.10 -21.12 14.97
CA PRO B 189 -21.30 -21.28 15.80
C PRO B 189 -20.93 -21.74 17.19
N SER B 190 -21.69 -21.33 18.19
CA SER B 190 -21.45 -21.75 19.57
C SER B 190 -21.56 -23.26 19.74
N SER B 191 -22.38 -23.86 18.88
CA SER B 191 -22.56 -25.30 18.83
C SER B 191 -21.23 -25.98 18.74
N THR B 192 -20.44 -25.52 17.77
CA THR B 192 -19.27 -26.24 17.32
C THR B 192 -18.03 -26.01 18.18
N TRP B 193 -18.10 -25.11 19.15
CA TRP B 193 -16.93 -24.88 20.01
C TRP B 193 -17.32 -24.61 21.45
N PRO B 194 -16.61 -25.23 22.40
CA PRO B 194 -15.39 -26.03 22.21
C PRO B 194 -15.57 -27.51 21.87
N SER B 195 -16.76 -27.95 21.49
CA SER B 195 -16.95 -29.37 21.24
C SER B 195 -16.05 -29.85 20.11
N GLU B 196 -15.97 -29.07 19.04
CA GLU B 196 -14.97 -29.31 18.00
C GLU B 196 -13.79 -28.39 18.30
N THR B 197 -12.63 -28.65 17.69
CA THR B 197 -11.45 -27.86 18.05
C THR B 197 -11.09 -26.83 16.99
N VAL B 198 -10.64 -25.69 17.46
CA VAL B 198 -10.27 -24.61 16.57
C VAL B 198 -8.78 -24.29 16.78
N THR B 199 -7.99 -24.48 15.73
CA THR B 199 -6.56 -24.33 15.84
C THR B 199 -6.03 -23.27 14.88
N CYS B 200 -5.31 -22.35 15.49
CA CYS B 200 -4.52 -21.34 14.82
C CYS B 200 -3.21 -21.96 14.28
N ASN B 201 -2.94 -21.83 12.98
CA ASN B 201 -1.69 -22.34 12.44
C ASN B 201 -0.92 -21.18 11.90
N VAL B 202 0.26 -20.99 12.47
CA VAL B 202 1.08 -19.84 12.15
C VAL B 202 2.37 -20.31 11.59
N ALA B 203 2.78 -19.73 10.46
CA ALA B 203 4.09 -20.05 9.92
C ALA B 203 4.94 -18.81 9.71
N HIS B 204 6.25 -18.94 9.90
CA HIS B 204 7.15 -17.82 9.75
C HIS B 204 8.40 -18.26 9.04
N PRO B 205 8.34 -18.24 7.69
CA PRO B 205 9.39 -18.80 6.81
C PRO B 205 10.77 -18.24 7.11
N ALA B 206 10.85 -16.93 7.34
CA ALA B 206 12.16 -16.34 7.58
C ALA B 206 12.90 -17.03 8.74
N SER B 207 12.20 -17.38 9.82
CA SER B 207 12.87 -18.07 10.92
C SER B 207 12.63 -19.59 10.92
N SER B 208 12.15 -20.13 9.80
CA SER B 208 11.87 -21.57 9.68
C SER B 208 11.08 -22.10 10.86
N THR B 209 9.95 -21.45 11.12
CA THR B 209 9.17 -21.71 12.30
C THR B 209 7.70 -21.93 11.95
N LYS B 210 7.13 -22.96 12.56
CA LYS B 210 5.73 -23.27 12.40
C LYS B 210 5.14 -23.54 13.77
N VAL B 211 4.00 -22.94 14.05
CA VAL B 211 3.37 -23.09 15.35
C VAL B 211 1.90 -23.41 15.24
N ASP B 212 1.47 -24.44 15.95
CA ASP B 212 0.05 -24.78 15.97
C ASP B 212 -0.45 -24.56 17.37
N LYS B 213 -1.56 -23.85 17.48
CA LYS B 213 -2.14 -23.47 18.76
C LYS B 213 -3.67 -23.68 18.82
N LYS B 214 -4.07 -24.69 19.57
CA LYS B 214 -5.47 -25.00 19.77
C LYS B 214 -6.14 -24.00 20.72
N ILE B 215 -7.30 -23.47 20.34
CA ILE B 215 -8.02 -22.57 21.23
C ILE B 215 -8.87 -23.38 22.20
N VAL B 216 -8.69 -23.07 23.46
CA VAL B 216 -9.17 -23.90 24.55
C VAL B 216 -9.89 -22.96 25.50
N PRO B 217 -11.09 -23.35 25.96
CA PRO B 217 -11.89 -22.45 26.80
C PRO B 217 -11.15 -22.12 28.09
N ARG B 218 -11.18 -20.85 28.48
CA ARG B 218 -10.15 -20.30 29.37
C ARG B 218 -9.98 -21.04 30.70
N ASP B 219 -11.09 -21.39 31.33
CA ASP B 219 -11.07 -22.20 32.56
C ASP B 219 -10.24 -21.53 33.66
N ASP C 1 9.05 21.81 -7.60
CA ASP C 1 9.06 22.60 -8.83
C ASP C 1 7.65 22.98 -9.25
N ILE C 2 6.74 22.00 -9.19
CA ILE C 2 5.41 22.12 -9.80
C ILE C 2 4.41 21.16 -9.13
N GLN C 3 3.46 21.71 -8.38
CA GLN C 3 2.67 20.92 -7.44
C GLN C 3 1.35 20.39 -8.00
N MET C 4 0.96 19.22 -7.53
CA MET C 4 -0.29 18.59 -7.94
C MET C 4 -1.15 18.23 -6.73
N THR C 5 -2.41 18.64 -6.77
CA THR C 5 -3.37 18.37 -5.69
C THR C 5 -4.64 17.73 -6.26
N GLN C 6 -4.89 16.50 -5.82
CA GLN C 6 -5.97 15.69 -6.36
C GLN C 6 -7.06 15.44 -5.32
N SER C 7 -8.22 16.07 -5.46
CA SER C 7 -9.31 15.83 -4.51
C SER C 7 -10.40 14.92 -5.09
N PRO C 8 -10.96 14.05 -4.24
CA PRO C 8 -10.62 13.92 -2.82
C PRO C 8 -9.70 12.72 -2.55
N SER C 9 -9.16 12.63 -1.34
CA SER C 9 -8.24 11.55 -0.98
C SER C 9 -8.95 10.19 -0.97
N SER C 10 -10.25 10.20 -0.67
CA SER C 10 -11.04 8.98 -0.76
C SER C 10 -12.51 9.35 -0.87
N LEU C 11 -13.29 8.44 -1.43
CA LEU C 11 -14.74 8.62 -1.51
C LEU C 11 -15.43 7.30 -1.79
N SER C 12 -16.75 7.31 -1.66
CA SER C 12 -17.47 6.06 -1.44
C SER C 12 -18.49 5.59 -2.48
N ALA C 13 -19.07 6.50 -3.27
CA ALA C 13 -20.32 6.24 -3.99
C ALA C 13 -20.44 4.84 -4.63
N SER C 14 -21.66 4.32 -4.69
CA SER C 14 -21.89 2.97 -5.22
C SER C 14 -22.06 2.97 -6.74
N GLY C 17 -22.82 3.92 -9.50
CA GLY C 17 -22.89 5.35 -9.27
C GLY C 17 -22.29 6.10 -10.44
N LYS C 18 -21.25 6.89 -10.16
CA LYS C 18 -20.66 7.88 -11.03
C LYS C 18 -19.74 8.83 -10.25
N VAL C 19 -18.55 8.39 -9.84
CA VAL C 19 -17.63 9.36 -9.22
C VAL C 19 -16.69 10.03 -10.21
N THR C 20 -16.45 11.31 -9.95
CA THR C 20 -15.45 12.10 -10.64
C THR C 20 -14.43 12.62 -9.62
N ILE C 21 -13.16 12.64 -10.03
CA ILE C 21 -12.05 13.17 -9.23
C ILE C 21 -11.53 14.47 -9.82
N THR C 22 -11.15 15.42 -8.97
CA THR C 22 -10.55 16.65 -9.46
C THR C 22 -9.03 16.60 -9.35
N CYS C 23 -8.37 17.59 -9.94
CA CYS C 23 -6.92 17.72 -9.88
C CYS C 23 -6.56 19.14 -10.37
N LYS C 24 -5.80 19.88 -9.57
CA LYS C 24 -5.40 21.22 -9.97
C LYS C 24 -3.88 21.33 -9.84
N ALA C 25 -3.26 22.18 -10.66
CA ALA C 25 -1.79 22.24 -10.71
C ALA C 25 -1.23 23.65 -10.49
N SER C 26 -0.08 23.70 -9.82
CA SER C 26 0.65 24.93 -9.53
C SER C 26 0.86 25.84 -10.74
N GLN C 27 1.40 25.29 -11.82
CA GLN C 27 1.43 25.97 -13.11
C GLN C 27 0.33 25.35 -13.97
N ASP C 28 -0.03 25.94 -15.09
CA ASP C 28 -0.91 25.20 -16.00
C ASP C 28 0.02 24.41 -16.90
N ILE C 29 -0.42 23.23 -17.27
CA ILE C 29 0.47 22.21 -17.83
C ILE C 29 0.04 21.77 -19.23
N ASN C 30 -0.70 22.66 -19.90
CA ASN C 30 -1.02 22.53 -21.31
C ASN C 30 -1.59 21.17 -21.72
N LYS C 31 -2.39 20.58 -20.82
CA LYS C 31 -3.15 19.34 -21.03
C LYS C 31 -2.36 18.03 -20.81
N TYR C 32 -1.10 18.15 -20.43
CA TYR C 32 -0.31 16.94 -20.15
C TYR C 32 -0.58 16.39 -18.74
N ILE C 33 -1.77 15.83 -18.55
CA ILE C 33 -2.05 15.03 -17.37
C ILE C 33 -2.40 13.63 -17.77
N ALA C 34 -2.16 12.70 -16.86
CA ALA C 34 -2.61 11.33 -17.07
C ALA C 34 -3.20 10.78 -15.76
N TRP C 35 -4.04 9.78 -15.90
CA TRP C 35 -4.74 9.22 -14.77
C TRP C 35 -4.47 7.74 -14.64
N TYR C 36 -3.97 7.35 -13.47
CA TYR C 36 -3.60 5.97 -13.23
C TYR C 36 -4.55 5.28 -12.26
N GLN C 37 -4.61 3.96 -12.38
CA GLN C 37 -5.41 3.11 -11.53
C GLN C 37 -4.47 2.06 -10.92
N HIS C 38 -4.29 2.11 -9.59
CA HIS C 38 -3.34 1.26 -8.89
C HIS C 38 -4.04 0.17 -8.06
N LYS C 39 -3.40 -0.99 -7.92
CA LYS C 39 -3.99 -2.13 -7.24
C LYS C 39 -2.90 -2.94 -6.53
N PRO C 40 -3.28 -3.89 -5.64
CA PRO C 40 -2.31 -4.71 -4.90
C PRO C 40 -1.20 -5.37 -5.71
N GLY C 41 0.05 -4.94 -5.50
CA GLY C 41 1.22 -5.59 -6.07
C GLY C 41 1.45 -5.29 -7.54
N LYS C 42 0.37 -4.89 -8.20
CA LYS C 42 0.42 -4.51 -9.60
C LYS C 42 1.16 -3.20 -9.77
N GLY C 43 1.56 -2.92 -11.00
CA GLY C 43 2.07 -1.60 -11.32
C GLY C 43 0.87 -0.72 -11.61
N PRO C 44 1.05 0.60 -11.47
CA PRO C 44 -0.06 1.46 -11.85
C PRO C 44 -0.36 1.39 -13.33
N ARG C 45 -1.54 0.88 -13.68
CA ARG C 45 -2.01 0.82 -15.06
C ARG C 45 -2.43 2.19 -15.54
N LEU C 46 -2.08 2.55 -16.77
CA LEU C 46 -2.49 3.84 -17.29
C LEU C 46 -3.81 3.71 -18.02
N LEU C 47 -4.69 4.68 -17.79
CA LEU C 47 -6.04 4.67 -18.34
C LEU C 47 -6.19 5.76 -19.37
N ILE C 48 -5.81 6.96 -18.95
CA ILE C 48 -6.04 8.15 -19.74
C ILE C 48 -4.76 8.96 -19.75
N HIS C 49 -4.39 9.42 -20.94
CA HIS C 49 -3.26 10.33 -21.11
C HIS C 49 -3.77 11.53 -21.85
N TYR C 50 -3.01 12.62 -21.81
CA TYR C 50 -3.39 13.85 -22.49
C TYR C 50 -4.83 14.21 -22.10
N THR C 51 -5.04 14.33 -20.80
CA THR C 51 -6.31 14.78 -20.24
C THR C 51 -7.50 13.89 -20.55
N SER C 52 -7.72 13.63 -21.83
CA SER C 52 -8.94 13.00 -22.28
C SER C 52 -8.69 11.72 -23.06
N THR C 53 -7.62 11.68 -23.85
CA THR C 53 -7.42 10.54 -24.73
C THR C 53 -7.26 9.23 -23.96
N LEU C 54 -8.22 8.35 -24.18
CA LEU C 54 -8.18 7.02 -23.62
C LEU C 54 -6.98 6.27 -24.19
N HIS C 55 -6.45 5.38 -23.39
CA HIS C 55 -5.30 4.60 -23.76
C HIS C 55 -5.77 3.33 -24.44
N PRO C 56 -5.16 3.00 -25.59
CA PRO C 56 -5.46 1.82 -26.42
C PRO C 56 -5.77 0.54 -25.62
N GLY C 57 -7.04 0.22 -25.47
CA GLY C 57 -7.45 -1.01 -24.83
C GLY C 57 -8.09 -0.83 -23.46
N ILE C 58 -8.76 0.31 -23.28
CA ILE C 58 -9.38 0.65 -22.01
C ILE C 58 -10.89 0.93 -22.20
N PRO C 59 -11.73 0.37 -21.31
CA PRO C 59 -13.19 0.59 -21.27
C PRO C 59 -13.62 2.06 -21.36
N SER C 60 -14.75 2.29 -22.02
CA SER C 60 -15.16 3.66 -22.34
C SER C 60 -16.04 4.29 -21.28
N ARG C 61 -15.81 3.96 -20.03
CA ARG C 61 -16.51 4.65 -18.96
C ARG C 61 -15.60 5.63 -18.24
N PHE C 62 -14.30 5.38 -18.34
CA PHE C 62 -13.32 6.33 -17.82
C PHE C 62 -13.32 7.57 -18.68
N SER C 63 -13.28 8.73 -18.04
CA SER C 63 -13.49 9.96 -18.76
C SER C 63 -12.81 11.15 -18.13
N GLY C 64 -11.52 11.30 -18.35
CA GLY C 64 -10.81 12.50 -17.91
C GLY C 64 -11.29 13.72 -18.67
N SER C 65 -10.93 14.92 -18.20
CA SER C 65 -11.36 16.18 -18.82
C SER C 65 -10.65 17.36 -18.19
N GLY C 66 -10.76 18.52 -18.82
CA GLY C 66 -10.20 19.73 -18.28
C GLY C 66 -9.21 20.42 -19.20
N SER C 67 -8.69 21.56 -18.74
CA SER C 67 -7.67 22.33 -19.45
C SER C 67 -6.98 23.22 -18.42
N GLY C 68 -5.98 23.99 -18.83
CA GLY C 68 -5.31 24.91 -17.93
C GLY C 68 -4.74 24.28 -16.66
N ARG C 69 -5.12 24.83 -15.50
CA ARG C 69 -4.61 24.35 -14.21
C ARG C 69 -5.52 23.32 -13.59
N ASP C 70 -6.75 23.22 -14.10
CA ASP C 70 -7.78 22.44 -13.43
C ASP C 70 -8.25 21.24 -14.25
N TYR C 71 -8.31 20.06 -13.63
CA TYR C 71 -8.71 18.88 -14.39
C TYR C 71 -9.65 17.90 -13.66
N SER C 72 -10.27 17.05 -14.45
CA SER C 72 -11.30 16.14 -13.99
C SER C 72 -11.01 14.73 -14.44
N PHE C 73 -11.44 13.76 -13.64
CA PHE C 73 -11.45 12.38 -14.09
C PHE C 73 -12.73 11.77 -13.58
N SER C 74 -13.39 11.00 -14.43
CA SER C 74 -14.69 10.48 -14.07
C SER C 74 -14.76 9.06 -14.53
N ILE C 75 -15.22 8.17 -13.67
CA ILE C 75 -15.52 6.86 -14.16
C ILE C 75 -17.03 6.90 -14.39
N SER C 76 -17.56 6.13 -15.36
CA SER C 76 -19.00 5.97 -15.40
C SER C 76 -19.34 5.07 -14.23
N ASN C 77 -19.31 3.76 -14.37
CA ASN C 77 -19.74 3.00 -13.21
C ASN C 77 -18.85 1.81 -12.88
N LEU C 78 -18.40 1.78 -11.63
CA LEU C 78 -17.32 0.92 -11.18
C LEU C 78 -17.57 -0.59 -11.13
N GLU C 79 -18.30 -1.08 -12.14
CA GLU C 79 -18.37 -2.52 -12.51
C GLU C 79 -17.04 -3.25 -12.63
N PRO C 80 -16.75 -4.16 -11.70
CA PRO C 80 -16.77 -4.18 -10.24
C PRO C 80 -15.31 -4.01 -9.87
N GLU C 81 -14.53 -4.27 -10.91
CA GLU C 81 -13.08 -4.23 -10.97
C GLU C 81 -12.49 -2.91 -10.51
N ASP C 82 -13.27 -1.85 -10.63
CA ASP C 82 -12.69 -0.52 -10.59
C ASP C 82 -12.61 0.06 -9.20
N ILE C 83 -12.88 -0.78 -8.23
CA ILE C 83 -12.63 -0.37 -6.87
C ILE C 83 -11.13 -0.44 -6.69
N ALA C 84 -10.49 0.72 -6.53
CA ALA C 84 -9.04 0.82 -6.35
C ALA C 84 -8.61 2.28 -6.17
N THR C 85 -7.30 2.52 -6.28
CA THR C 85 -6.72 3.84 -6.06
C THR C 85 -6.34 4.51 -7.38
N TYR C 86 -6.48 5.83 -7.42
CA TYR C 86 -6.40 6.59 -8.66
C TYR C 86 -5.51 7.79 -8.54
N TYR C 87 -4.56 7.88 -9.47
CA TYR C 87 -3.56 8.93 -9.43
C TYR C 87 -3.63 9.77 -10.68
N CYS C 88 -3.54 11.07 -10.50
CA CYS C 88 -3.35 12.00 -11.59
C CYS C 88 -1.87 12.23 -11.75
N LEU C 89 -1.41 12.43 -12.97
CA LEU C 89 0.00 12.69 -13.20
C LEU C 89 0.21 13.77 -14.24
N GLN C 90 0.92 14.82 -13.86
CA GLN C 90 1.32 15.79 -14.86
C GLN C 90 2.64 15.34 -15.46
N TYR C 91 2.94 15.83 -16.66
CA TYR C 91 4.20 15.52 -17.32
C TYR C 91 4.58 16.61 -18.32
N ASP C 92 4.03 17.80 -18.13
CA ASP C 92 4.38 18.95 -18.97
C ASP C 92 5.84 19.32 -18.77
N ASN C 93 6.31 19.15 -17.55
CA ASN C 93 7.67 19.48 -17.18
C ASN C 93 8.05 18.61 -16.00
N LEU C 94 8.96 17.67 -16.26
CA LEU C 94 9.25 16.58 -15.32
C LEU C 94 8.00 15.81 -14.94
N ARG C 95 8.00 15.21 -13.76
CA ARG C 95 6.88 14.36 -13.38
C ARG C 95 6.43 14.65 -11.95
N THR C 96 5.11 14.66 -11.74
CA THR C 96 4.53 14.81 -10.41
C THR C 96 3.22 14.04 -10.28
N PHE C 97 3.13 13.19 -9.25
CA PHE C 97 1.90 12.48 -8.98
C PHE C 97 1.01 13.31 -8.07
N GLY C 98 -0.30 13.13 -8.22
CA GLY C 98 -1.23 13.70 -7.27
C GLY C 98 -1.16 12.83 -6.04
N GLY C 99 -1.84 13.26 -4.97
CA GLY C 99 -1.87 12.54 -3.72
C GLY C 99 -2.55 11.19 -3.76
N GLY C 100 -3.45 10.99 -4.73
CA GLY C 100 -4.20 9.75 -4.86
C GLY C 100 -5.64 9.83 -4.34
N THR C 101 -6.46 8.88 -4.78
CA THR C 101 -7.85 8.79 -4.34
C THR C 101 -8.21 7.34 -4.11
N LYS C 102 -8.55 6.97 -2.88
CA LYS C 102 -8.91 5.57 -2.71
C LYS C 102 -10.42 5.46 -2.76
N LEU C 103 -10.90 4.43 -3.44
CA LEU C 103 -12.31 4.22 -3.56
C LEU C 103 -12.75 3.12 -2.65
N GLU C 104 -13.94 3.26 -2.11
CA GLU C 104 -14.56 2.19 -1.37
C GLU C 104 -15.91 1.93 -2.00
N ILE C 105 -16.56 0.86 -1.61
CA ILE C 105 -17.92 0.60 -2.02
C ILE C 105 -18.87 1.09 -0.95
N LYS C 106 -19.56 2.20 -1.22
CA LYS C 106 -20.53 2.72 -0.26
C LYS C 106 -21.65 1.72 -0.09
N ARG C 107 -21.94 1.40 1.15
CA ARG C 107 -23.05 0.52 1.46
C ARG C 107 -23.82 1.05 2.68
N ALA C 108 -24.67 0.19 3.21
CA ALA C 108 -25.48 0.53 4.37
C ALA C 108 -24.61 0.53 5.61
N ASP C 109 -24.93 1.41 6.55
CA ASP C 109 -24.21 1.46 7.81
C ASP C 109 -24.36 0.15 8.56
N ALA C 110 -23.25 -0.29 9.14
CA ALA C 110 -23.26 -1.52 9.92
C ALA C 110 -22.54 -1.28 11.25
N ALA C 111 -23.18 -1.70 12.32
CA ALA C 111 -22.56 -1.65 13.65
C ALA C 111 -21.48 -2.71 13.75
N PRO C 112 -20.41 -2.41 14.51
CA PRO C 112 -19.38 -3.44 14.70
C PRO C 112 -19.80 -4.51 15.69
N THR C 113 -19.34 -5.73 15.45
CA THR C 113 -19.39 -6.80 16.43
C THR C 113 -18.13 -6.74 17.25
N VAL C 114 -18.26 -6.52 18.56
CA VAL C 114 -17.08 -6.25 19.38
C VAL C 114 -16.77 -7.37 20.37
N SER C 115 -15.48 -7.71 20.50
CA SER C 115 -15.03 -8.76 21.42
C SER C 115 -13.72 -8.41 22.12
N ILE C 116 -13.68 -8.58 23.44
CA ILE C 116 -12.45 -8.32 24.17
C ILE C 116 -11.88 -9.65 24.66
N PHE C 117 -10.57 -9.78 24.58
CA PHE C 117 -9.88 -10.96 25.08
C PHE C 117 -8.79 -10.54 26.05
N PRO C 118 -8.65 -11.29 27.15
CA PRO C 118 -7.61 -10.97 28.13
C PRO C 118 -6.29 -11.57 27.68
N PRO C 119 -5.18 -11.24 28.36
CA PRO C 119 -3.94 -11.93 27.96
C PRO C 119 -4.01 -13.42 28.25
N SER C 120 -3.40 -14.21 27.40
CA SER C 120 -3.37 -15.66 27.60
C SER C 120 -2.41 -16.00 28.74
N SER C 121 -2.56 -17.21 29.30
CA SER C 121 -1.65 -17.69 30.33
C SER C 121 -0.24 -17.82 29.76
N GLU C 122 -0.17 -18.27 28.52
CA GLU C 122 1.14 -18.48 27.91
C GLU C 122 1.90 -17.18 27.90
N GLN C 123 1.24 -16.10 27.51
CA GLN C 123 1.91 -14.82 27.42
C GLN C 123 2.35 -14.34 28.81
N LEU C 124 1.43 -14.36 29.78
CA LEU C 124 1.77 -13.96 31.15
C LEU C 124 3.06 -14.67 31.65
N THR C 125 3.24 -15.93 31.29
CA THR C 125 4.44 -16.64 31.73
C THR C 125 5.72 -16.01 31.16
N SER C 126 5.59 -15.16 30.13
CA SER C 126 6.74 -14.47 29.53
C SER C 126 6.90 -13.03 30.04
N GLY C 127 6.05 -12.62 30.96
CA GLY C 127 6.20 -11.29 31.53
C GLY C 127 5.52 -10.18 30.76
N GLY C 128 4.80 -10.53 29.71
CA GLY C 128 4.04 -9.54 28.98
C GLY C 128 2.55 -9.78 29.08
N ALA C 129 1.76 -8.81 28.62
CA ALA C 129 0.31 -8.90 28.71
C ALA C 129 -0.33 -8.06 27.61
N SER C 130 -1.02 -8.72 26.69
CA SER C 130 -1.74 -7.98 25.68
C SER C 130 -3.24 -8.20 25.83
N VAL C 131 -3.97 -7.10 25.84
CA VAL C 131 -5.41 -7.16 25.85
C VAL C 131 -5.84 -6.82 24.44
N VAL C 132 -6.69 -7.67 23.87
CA VAL C 132 -7.03 -7.53 22.46
C VAL C 132 -8.51 -7.32 22.29
N CYS C 133 -8.87 -6.50 21.31
CA CYS C 133 -10.25 -6.16 21.07
C CYS C 133 -10.52 -6.13 19.57
N PHE C 134 -11.42 -7.00 19.12
CA PHE C 134 -11.84 -7.01 17.73
C PHE C 134 -13.11 -6.19 17.52
N LEU C 135 -13.13 -5.38 16.47
CA LEU C 135 -14.34 -4.68 16.04
C LEU C 135 -14.55 -5.08 14.61
N ASN C 136 -15.51 -5.98 14.40
CA ASN C 136 -15.62 -6.68 13.13
C ASN C 136 -16.86 -6.34 12.34
N ASN C 137 -16.69 -6.29 11.01
CA ASN C 137 -17.78 -6.10 10.06
C ASN C 137 -18.63 -4.90 10.34
N PHE C 138 -18.04 -3.72 10.22
CA PHE C 138 -18.79 -2.50 10.43
C PHE C 138 -18.65 -1.59 9.23
N TYR C 139 -19.52 -0.61 9.14
CA TYR C 139 -19.46 0.36 8.06
C TYR C 139 -20.13 1.65 8.55
N PRO C 140 -19.55 2.82 8.24
CA PRO C 140 -18.35 3.03 7.42
C PRO C 140 -17.05 2.81 8.21
N LYS C 141 -15.91 3.09 7.58
CA LYS C 141 -14.62 2.61 8.09
C LYS C 141 -14.22 3.33 9.36
N ASP C 142 -14.54 4.61 9.47
CA ASP C 142 -14.06 5.32 10.63
C ASP C 142 -14.84 5.00 11.90
N ILE C 143 -14.07 4.76 12.93
CA ILE C 143 -14.55 4.30 14.20
C ILE C 143 -13.46 4.74 15.18
N ASN C 144 -13.83 5.01 16.41
CA ASN C 144 -12.85 5.38 17.42
C ASN C 144 -12.89 4.39 18.56
N VAL C 145 -11.72 3.87 18.91
CA VAL C 145 -11.60 2.92 20.04
C VAL C 145 -10.87 3.54 21.23
N LYS C 146 -11.42 3.29 22.41
CA LYS C 146 -10.93 3.88 23.64
C LYS C 146 -10.69 2.79 24.68
N TRP C 147 -9.49 2.75 25.24
CA TRP C 147 -9.17 1.76 26.26
C TRP C 147 -9.25 2.40 27.63
N LYS C 148 -9.84 1.68 28.57
CA LYS C 148 -9.93 2.17 29.94
C LYS C 148 -9.43 1.08 30.87
N ILE C 149 -8.52 1.47 31.77
CA ILE C 149 -8.07 0.58 32.81
C ILE C 149 -8.55 1.12 34.15
N ASP C 150 -9.34 0.32 34.85
CA ASP C 150 -9.88 0.78 36.13
C ASP C 150 -10.51 2.14 35.96
N GLY C 151 -11.27 2.31 34.87
CA GLY C 151 -12.00 3.53 34.61
C GLY C 151 -11.27 4.64 33.86
N SER C 152 -9.95 4.55 33.76
CA SER C 152 -9.15 5.63 33.19
C SER C 152 -8.56 5.30 31.82
N GLU C 153 -8.61 6.31 30.95
CA GLU C 153 -8.15 6.14 29.58
C GLU C 153 -6.67 5.87 29.54
N ARG C 154 -6.28 4.90 28.72
CA ARG C 154 -4.87 4.66 28.46
C ARG C 154 -4.66 4.74 26.96
N GLN C 155 -3.87 5.72 26.51
CA GLN C 155 -3.55 5.83 25.09
C GLN C 155 -2.24 5.06 24.82
N ASN C 156 -1.21 5.42 25.59
CA ASN C 156 0.07 4.66 25.67
C ASN C 156 -0.03 3.16 25.41
N GLY C 157 0.67 2.68 24.38
CA GLY C 157 0.73 1.25 24.09
C GLY C 157 -0.50 0.64 23.44
N VAL C 158 -1.16 1.39 22.54
CA VAL C 158 -2.29 0.84 21.84
C VAL C 158 -1.92 0.72 20.37
N LEU C 159 -2.08 -0.48 19.84
CA LEU C 159 -1.81 -0.72 18.43
C LEU C 159 -3.09 -1.07 17.71
N ASN C 160 -3.35 -0.36 16.62
CA ASN C 160 -4.57 -0.56 15.85
C ASN C 160 -4.31 -0.93 14.38
N SER C 161 -5.20 -1.76 13.83
CA SER C 161 -5.09 -2.31 12.50
C SER C 161 -6.46 -2.48 11.87
N TRP C 162 -6.63 -1.93 10.67
CA TRP C 162 -7.86 -2.15 9.91
C TRP C 162 -7.68 -3.12 8.76
N THR C 163 -8.62 -4.04 8.61
CA THR C 163 -8.64 -4.82 7.39
C THR C 163 -8.98 -3.93 6.20
N ASP C 164 -8.75 -4.47 5.00
CA ASP C 164 -9.30 -3.90 3.77
C ASP C 164 -10.83 -4.03 3.78
N GLN C 165 -11.51 -3.28 2.92
CA GLN C 165 -12.95 -3.51 2.75
C GLN C 165 -13.21 -4.96 2.28
N ASP C 166 -14.06 -5.67 3.01
CA ASP C 166 -14.48 -7.03 2.65
C ASP C 166 -15.08 -7.00 1.25
N SER C 167 -14.94 -8.10 0.51
CA SER C 167 -15.48 -8.11 -0.85
C SER C 167 -16.91 -8.64 -0.84
N LYS C 168 -17.19 -9.52 0.11
CA LYS C 168 -18.49 -10.19 0.12
C LYS C 168 -19.57 -9.33 0.74
N ASP C 169 -19.24 -8.54 1.77
CA ASP C 169 -20.23 -7.63 2.33
C ASP C 169 -19.76 -6.17 2.46
N SER C 170 -18.55 -5.89 1.99
CA SER C 170 -18.03 -4.52 1.89
C SER C 170 -17.93 -3.78 3.23
N THR C 171 -17.81 -4.53 4.32
CA THR C 171 -17.62 -3.93 5.63
C THR C 171 -16.15 -3.87 5.97
N TYR C 172 -15.86 -3.23 7.10
CA TYR C 172 -14.49 -3.21 7.60
C TYR C 172 -14.40 -3.90 8.92
N SER C 173 -13.18 -4.23 9.28
CA SER C 173 -12.90 -4.86 10.56
C SER C 173 -11.65 -4.24 11.13
N MET C 174 -11.59 -4.21 12.45
CA MET C 174 -10.46 -3.56 13.07
C MET C 174 -10.04 -4.27 14.36
N SER C 175 -8.74 -4.32 14.54
CA SER C 175 -8.19 -4.94 15.71
C SER C 175 -7.46 -3.92 16.56
N SER C 176 -7.65 -4.00 17.87
CA SER C 176 -7.01 -3.06 18.76
C SER C 176 -6.35 -3.77 19.94
N THR C 177 -5.07 -3.48 20.15
CA THR C 177 -4.35 -4.13 21.24
C THR C 177 -3.72 -3.17 22.25
N LEU C 178 -4.13 -3.35 23.51
CA LEU C 178 -3.51 -2.69 24.63
C LEU C 178 -2.37 -3.56 25.16
N THR C 179 -1.15 -3.04 25.09
CA THR C 179 -0.02 -3.88 25.43
C THR C 179 0.66 -3.35 26.70
N LEU C 180 0.72 -4.22 27.71
CA LEU C 180 1.14 -3.93 29.07
C LEU C 180 2.22 -4.90 29.53
N THR C 181 2.95 -4.56 30.59
CA THR C 181 3.78 -5.57 31.22
C THR C 181 2.90 -6.42 32.09
N LYS C 182 3.30 -7.68 32.26
CA LYS C 182 2.55 -8.59 33.11
C LYS C 182 2.24 -7.96 34.47
N ASP C 183 3.25 -7.48 35.18
CA ASP C 183 2.98 -7.06 36.56
C ASP C 183 2.16 -5.77 36.57
N GLU C 184 2.32 -4.94 35.56
CA GLU C 184 1.39 -3.83 35.39
C GLU C 184 -0.04 -4.37 35.30
N TYR C 185 -0.25 -5.30 34.38
CA TYR C 185 -1.56 -5.88 34.19
C TYR C 185 -2.16 -6.44 35.51
N GLU C 186 -1.32 -6.95 36.39
CA GLU C 186 -1.82 -7.53 37.63
C GLU C 186 -2.05 -6.49 38.73
N ARG C 187 -1.74 -5.23 38.44
CA ARG C 187 -2.02 -4.13 39.35
C ARG C 187 -3.40 -3.51 39.14
N HIS C 188 -4.17 -4.07 38.21
CA HIS C 188 -5.47 -3.50 37.88
C HIS C 188 -6.50 -4.59 37.74
N ASN C 189 -7.78 -4.22 37.81
CA ASN C 189 -8.83 -5.23 37.78
C ASN C 189 -9.69 -5.14 36.53
N SER C 190 -10.11 -3.93 36.20
CA SER C 190 -11.02 -3.73 35.09
C SER C 190 -10.34 -3.32 33.78
N TYR C 191 -10.67 -4.02 32.72
CA TYR C 191 -10.19 -3.69 31.40
C TYR C 191 -11.35 -3.49 30.43
N THR C 192 -11.30 -2.41 29.65
CA THR C 192 -12.41 -2.03 28.80
C THR C 192 -11.96 -1.42 27.49
N CYS C 193 -12.52 -1.91 26.40
CA CYS C 193 -12.44 -1.19 25.16
C CYS C 193 -13.85 -0.76 24.83
N GLU C 194 -13.98 0.48 24.35
CA GLU C 194 -15.29 0.96 24.02
C GLU C 194 -15.26 1.63 22.67
N ALA C 195 -16.21 1.26 21.84
CA ALA C 195 -16.21 1.67 20.46
C ALA C 195 -17.28 2.73 20.19
N THR C 196 -16.86 3.83 19.60
CA THR C 196 -17.79 4.83 19.10
C THR C 196 -17.77 4.76 17.56
N HIS C 197 -18.93 4.91 16.95
CA HIS C 197 -19.08 4.71 15.50
C HIS C 197 -20.40 5.32 15.05
N LYS C 198 -20.51 5.69 13.77
CA LYS C 198 -21.71 6.38 13.24
C LYS C 198 -23.03 5.68 13.58
N THR C 199 -22.96 4.36 13.78
CA THR C 199 -24.10 3.52 14.14
C THR C 199 -24.43 3.56 15.63
N SER C 200 -23.70 4.36 16.40
CA SER C 200 -24.00 4.56 17.82
C SER C 200 -23.90 6.04 18.23
N THR C 201 -24.84 6.50 19.04
CA THR C 201 -24.68 7.80 19.71
C THR C 201 -24.33 7.49 21.15
N SER C 202 -23.75 6.31 21.34
CA SER C 202 -23.49 5.74 22.64
C SER C 202 -22.65 4.48 22.48
N PRO C 203 -21.43 4.47 23.04
CA PRO C 203 -20.39 3.46 22.84
C PRO C 203 -20.81 2.02 23.07
N ILE C 204 -20.28 1.13 22.23
CA ILE C 204 -20.27 -0.30 22.53
C ILE C 204 -19.18 -0.53 23.55
N VAL C 205 -19.50 -1.26 24.62
CA VAL C 205 -18.52 -1.44 25.70
C VAL C 205 -18.34 -2.90 26.08
N LYS C 206 -17.24 -3.51 25.67
CA LYS C 206 -16.92 -4.82 26.18
C LYS C 206 -15.81 -4.69 27.21
N SER C 207 -15.84 -5.57 28.20
CA SER C 207 -14.95 -5.45 29.33
C SER C 207 -14.79 -6.76 30.10
N PHE C 208 -13.82 -6.78 30.99
CA PHE C 208 -13.71 -7.89 31.91
C PHE C 208 -13.00 -7.48 33.20
N ASN C 209 -13.06 -8.35 34.20
CA ASN C 209 -12.32 -8.16 35.42
C ASN C 209 -11.44 -9.37 35.65
N ARG C 210 -10.23 -9.15 36.14
CA ARG C 210 -9.28 -10.23 36.32
C ARG C 210 -9.73 -11.17 37.44
N ASN C 211 -10.48 -10.60 38.38
CA ASN C 211 -11.00 -11.33 39.53
C ASN C 211 -12.10 -12.32 39.16
N GLU C 212 -12.44 -12.38 37.88
CA GLU C 212 -13.51 -13.23 37.39
C GLU C 212 -13.08 -13.99 36.16
#